data_2A4R
#
_entry.id   2A4R
#
_cell.length_a   223.603
_cell.length_b   223.603
_cell.length_c   75.354
_cell.angle_alpha   90.00
_cell.angle_beta   90.00
_cell.angle_gamma   120.00
#
_symmetry.space_group_name_H-M   'H 3 2'
#
loop_
_entity.id
_entity.type
_entity.pdbx_description
1 polymer 'NS3 protease/helicase'
2 polymer 'Ns4a peptide'
3 non-polymer 'ZINC ION'
4 non-polymer '[(N-{3-[(N-{CYCLOHEXYL[(ISOBUTOXYCARBONYL)AMINO]ACETYL}-3-CYCLOPROPYLALANYL)AMINO]-4-CYCLOPROPYL-2-OXOBUTANOYL}GLYCYL)AMINO](PHENYL)ACETIC ACID'
5 water water
#
loop_
_entity_poly.entity_id
_entity_poly.type
_entity_poly.pdbx_seq_one_letter_code
_entity_poly.pdbx_strand_id
1 'polypeptide(L)'
;MASMTGGQQMGAPITAYAQQTRGLLGCIITSLTGRDKNQVEGEVQIVSTATQTFLATCINGVCWTVYHGAGTRTIASPKG
PVIQMYTNVDQDLVGWPAPQGSRSLTPCTCGSSDLYLVTRHADVIPVRRRGDSRGSLLSPRPISYLKGSSGGPLLCPAGH
AVGLFRAAVCTRGVAKAVDFIPVENLETTMRSGSHHHHHH
;
A,C
2 'polypeptide(L)' KKGSVVIVGRIVLSGKPAIIPKK B,D
#
loop_
_chem_comp.id
_chem_comp.type
_chem_comp.name
_chem_comp.formula
BNH non-polymer '[(N-{3-[(N-{CYCLOHEXYL[(ISOBUTOXYCARBONYL)AMINO]ACETYL}-3-CYCLOPROPYLALANYL)AMINO]-4-CYCLOPROPYL-2-OXOBUTANOYL}GLYCYL)AMINO](PHENYL)ACETIC ACID' 'C36 H51 N5 O9'
ZN non-polymer 'ZINC ION' 'Zn 2'
#
# COMPACT_ATOMS: atom_id res chain seq x y z
N ALA A 12 -3.11 5.24 10.95
CA ALA A 12 -3.26 5.04 9.47
C ALA A 12 -2.56 3.74 9.06
N PRO A 13 -3.11 3.05 8.04
CA PRO A 13 -2.58 1.80 7.52
C PRO A 13 -1.46 2.07 6.49
N ILE A 14 -0.60 1.08 6.26
CA ILE A 14 0.47 1.24 5.29
C ILE A 14 -0.10 1.16 3.87
N THR A 15 0.04 2.25 3.13
CA THR A 15 -0.39 2.31 1.75
C THR A 15 0.80 2.86 0.97
N ALA A 16 0.92 2.48 -0.31
CA ALA A 16 2.04 2.92 -1.14
C ALA A 16 1.66 3.09 -2.59
N TYR A 17 2.35 3.99 -3.28
CA TYR A 17 2.11 4.16 -4.70
C TYR A 17 3.44 4.28 -5.43
N ALA A 18 3.47 3.88 -6.68
CA ALA A 18 4.68 3.93 -7.48
C ALA A 18 4.56 4.93 -8.62
N GLN A 19 5.70 5.44 -9.07
CA GLN A 19 5.75 6.38 -10.18
C GLN A 19 7.04 6.16 -10.95
N GLN A 20 6.94 5.95 -12.26
CA GLN A 20 8.14 5.76 -13.07
C GLN A 20 8.58 7.17 -13.44
N THR A 21 9.83 7.47 -13.21
CA THR A 21 10.33 8.81 -13.49
C THR A 21 11.29 8.77 -14.64
N ARG A 22 11.54 7.59 -15.18
CA ARG A 22 12.50 7.52 -16.26
C ARG A 22 12.41 6.26 -17.04
N GLY A 23 12.67 6.37 -18.35
CA GLY A 23 12.60 5.23 -19.24
C GLY A 23 13.93 4.56 -19.57
N LEU A 24 13.86 3.51 -20.37
CA LEU A 24 15.02 2.72 -20.79
C LEU A 24 16.22 3.52 -21.36
N LEU A 25 15.96 4.40 -22.31
CA LEU A 25 17.03 5.18 -22.92
C LEU A 25 17.55 6.33 -22.03
N GLY A 26 16.69 6.93 -21.23
CA GLY A 26 17.14 7.99 -20.35
C GLY A 26 17.97 7.36 -19.26
N CYS A 27 17.59 6.15 -18.87
CA CYS A 27 18.31 5.41 -17.84
C CYS A 27 19.73 5.07 -18.28
N ILE A 28 19.89 4.55 -19.50
CA ILE A 28 21.21 4.20 -20.02
C ILE A 28 22.14 5.42 -20.10
N ILE A 29 21.64 6.53 -20.63
CA ILE A 29 22.45 7.75 -20.72
C ILE A 29 22.88 8.16 -19.32
N THR A 30 21.94 8.18 -18.39
CA THR A 30 22.19 8.56 -17.00
C THR A 30 23.19 7.64 -16.32
N SER A 31 23.15 6.37 -16.67
CA SER A 31 24.07 5.41 -16.07
C SER A 31 25.49 5.76 -16.49
N LEU A 32 25.68 6.01 -17.78
CA LEU A 32 26.99 6.37 -18.33
C LEU A 32 27.41 7.75 -17.85
N THR A 33 26.53 8.71 -18.03
CA THR A 33 26.75 10.08 -17.62
C THR A 33 27.00 10.21 -16.11
N GLY A 34 26.21 9.51 -15.31
CA GLY A 34 26.32 9.57 -13.87
C GLY A 34 25.69 10.82 -13.29
N ARG A 35 25.07 11.62 -14.15
CA ARG A 35 24.45 12.85 -13.70
C ARG A 35 22.94 12.76 -13.92
N ASP A 36 22.20 12.74 -12.82
CA ASP A 36 20.75 12.66 -12.86
C ASP A 36 20.20 13.96 -12.33
N LYS A 37 19.51 14.70 -13.18
CA LYS A 37 18.95 15.99 -12.76
C LYS A 37 17.48 15.89 -12.28
N ASN A 38 16.89 14.71 -12.39
CA ASN A 38 15.50 14.50 -11.97
C ASN A 38 15.30 14.72 -10.48
N GLN A 39 14.14 15.24 -10.12
CA GLN A 39 13.81 15.48 -8.72
C GLN A 39 13.42 14.17 -8.04
N VAL A 40 13.83 14.02 -6.79
CA VAL A 40 13.55 12.82 -6.03
C VAL A 40 12.50 13.06 -4.96
N GLU A 41 11.70 12.02 -4.75
CA GLU A 41 10.66 12.04 -3.74
C GLU A 41 10.49 10.61 -3.30
N GLY A 42 9.97 10.41 -2.10
CA GLY A 42 9.73 9.06 -1.63
C GLY A 42 10.75 8.46 -0.68
N GLU A 43 10.35 7.35 -0.07
CA GLU A 43 11.18 6.64 0.89
C GLU A 43 11.97 5.53 0.21
N VAL A 44 11.38 4.93 -0.82
CA VAL A 44 12.00 3.85 -1.58
C VAL A 44 12.21 4.29 -3.03
N GLN A 45 13.40 4.03 -3.57
CA GLN A 45 13.71 4.39 -4.94
C GLN A 45 13.76 3.13 -5.78
N ILE A 46 13.20 3.21 -6.99
CA ILE A 46 13.24 2.10 -7.93
C ILE A 46 14.55 2.37 -8.64
N VAL A 47 15.42 1.38 -8.61
CA VAL A 47 16.76 1.53 -9.10
C VAL A 47 17.16 0.52 -10.19
N SER A 48 18.07 0.93 -11.07
CA SER A 48 18.53 0.05 -12.13
C SER A 48 19.99 0.25 -12.51
N THR A 49 20.57 -0.82 -13.00
CA THR A 49 21.93 -0.83 -13.50
C THR A 49 21.67 -1.29 -14.93
N ALA A 50 22.71 -1.45 -15.73
CA ALA A 50 22.51 -1.88 -17.12
C ALA A 50 22.05 -3.33 -17.14
N THR A 51 22.33 -4.05 -16.06
CA THR A 51 22.00 -5.45 -15.97
C THR A 51 20.70 -5.79 -15.26
N GLN A 52 20.32 -5.03 -14.23
CA GLN A 52 19.09 -5.34 -13.49
C GLN A 52 18.43 -4.15 -12.79
N THR A 53 17.19 -4.37 -12.37
CA THR A 53 16.42 -3.35 -11.68
C THR A 53 15.90 -3.94 -10.38
N PHE A 54 16.02 -3.14 -9.32
CA PHE A 54 15.63 -3.55 -7.98
C PHE A 54 15.20 -2.32 -7.17
N LEU A 55 15.32 -2.39 -5.85
CA LEU A 55 14.92 -1.28 -4.98
C LEU A 55 15.98 -0.84 -4.00
N ALA A 56 15.84 0.39 -3.51
CA ALA A 56 16.77 0.99 -2.55
C ALA A 56 15.89 1.71 -1.56
N THR A 57 16.17 1.55 -0.27
CA THR A 57 15.35 2.16 0.76
C THR A 57 16.14 3.20 1.55
N CYS A 58 15.56 4.37 1.74
CA CYS A 58 16.21 5.42 2.52
C CYS A 58 15.82 5.24 3.99
N ILE A 59 16.80 4.97 4.85
CA ILE A 59 16.56 4.82 6.28
C ILE A 59 17.55 5.73 6.97
N ASN A 60 17.06 6.60 7.83
CA ASN A 60 17.90 7.52 8.57
C ASN A 60 18.93 8.27 7.74
N GLY A 61 18.49 8.84 6.64
CA GLY A 61 19.39 9.62 5.80
C GLY A 61 20.32 8.88 4.88
N VAL A 62 20.22 7.56 4.81
CA VAL A 62 21.09 6.78 3.94
C VAL A 62 20.23 5.94 3.00
N CYS A 63 20.57 5.96 1.72
CA CYS A 63 19.85 5.17 0.74
C CYS A 63 20.54 3.81 0.67
N TRP A 64 19.91 2.81 1.27
CA TRP A 64 20.45 1.44 1.34
C TRP A 64 19.90 0.52 0.29
N THR A 65 20.74 -0.36 -0.20
CA THR A 65 20.27 -1.35 -1.14
C THR A 65 21.06 -2.62 -0.97
N VAL A 66 20.69 -3.61 -1.76
CA VAL A 66 21.29 -4.91 -1.73
C VAL A 66 22.61 -4.95 -2.56
N TYR A 67 23.70 -5.40 -1.94
CA TYR A 67 24.99 -5.47 -2.61
C TYR A 67 24.94 -6.38 -3.84
N HIS A 68 24.09 -7.41 -3.81
CA HIS A 68 23.99 -8.29 -4.98
C HIS A 68 23.30 -7.64 -6.17
N GLY A 69 22.92 -6.38 -6.01
CA GLY A 69 22.29 -5.67 -7.10
C GLY A 69 23.14 -4.48 -7.47
N ALA A 70 23.62 -3.75 -6.48
CA ALA A 70 24.42 -2.55 -6.71
C ALA A 70 25.92 -2.76 -6.89
N GLY A 71 26.46 -3.81 -6.28
CA GLY A 71 27.89 -4.05 -6.36
C GLY A 71 28.55 -2.89 -5.63
N THR A 72 29.55 -2.28 -6.24
CA THR A 72 30.21 -1.14 -5.63
C THR A 72 30.01 0.13 -6.45
N ARG A 73 29.05 0.07 -7.37
CA ARG A 73 28.74 1.18 -8.26
C ARG A 73 28.41 2.46 -7.52
N THR A 74 28.55 3.57 -8.25
CA THR A 74 28.22 4.87 -7.72
C THR A 74 26.74 5.11 -8.05
N ILE A 75 26.11 6.08 -7.42
CA ILE A 75 24.72 6.36 -7.77
C ILE A 75 24.71 7.69 -8.51
N ALA A 76 23.98 7.75 -9.61
CA ALA A 76 23.91 8.97 -10.40
C ALA A 76 23.13 10.01 -9.62
N SER A 77 23.65 11.24 -9.59
CA SER A 77 23.00 12.33 -8.87
C SER A 77 23.12 13.59 -9.71
N PRO A 78 22.48 14.70 -9.27
CA PRO A 78 22.55 15.95 -10.03
C PRO A 78 23.94 16.56 -10.06
N LYS A 79 24.83 16.05 -9.22
CA LYS A 79 26.18 16.54 -9.19
C LYS A 79 27.16 15.51 -9.74
N GLY A 80 26.65 14.50 -10.43
CA GLY A 80 27.51 13.46 -10.97
C GLY A 80 27.43 12.20 -10.13
N PRO A 81 28.28 11.20 -10.37
CA PRO A 81 28.25 9.96 -9.59
C PRO A 81 28.61 10.18 -8.14
N VAL A 82 27.97 9.41 -7.27
CA VAL A 82 28.24 9.50 -5.85
C VAL A 82 28.72 8.14 -5.37
N ILE A 83 29.88 8.15 -4.73
CA ILE A 83 30.49 6.93 -4.21
C ILE A 83 29.69 6.43 -3.02
N GLN A 84 29.68 5.12 -2.82
CA GLN A 84 28.95 4.51 -1.71
C GLN A 84 29.54 4.94 -0.38
N MET A 85 28.68 5.11 0.61
CA MET A 85 29.11 5.45 1.95
C MET A 85 29.48 4.18 2.69
N TYR A 86 28.71 3.12 2.47
CA TYR A 86 28.98 1.86 3.15
C TYR A 86 28.89 0.75 2.16
N THR A 87 29.76 -0.24 2.29
CA THR A 87 29.76 -1.41 1.42
C THR A 87 30.07 -2.56 2.35
N ASN A 88 29.28 -3.61 2.30
CA ASN A 88 29.56 -4.76 3.13
C ASN A 88 29.11 -5.99 2.41
N VAL A 89 30.02 -6.56 1.65
CA VAL A 89 29.74 -7.76 0.87
C VAL A 89 29.14 -8.85 1.73
N ASP A 90 29.62 -8.95 2.97
CA ASP A 90 29.12 -9.99 3.89
C ASP A 90 27.70 -9.73 4.30
N GLN A 91 27.38 -8.49 4.64
CA GLN A 91 26.03 -8.11 5.05
C GLN A 91 25.14 -8.02 3.82
N ASP A 92 25.78 -7.99 2.64
CA ASP A 92 25.09 -7.88 1.36
C ASP A 92 24.40 -6.51 1.30
N LEU A 93 25.08 -5.50 1.81
CA LEU A 93 24.56 -4.14 1.87
C LEU A 93 25.49 -3.11 1.27
N VAL A 94 24.92 -2.03 0.74
CA VAL A 94 25.68 -0.90 0.22
C VAL A 94 24.78 0.27 0.58
N GLY A 95 25.35 1.43 0.83
CA GLY A 95 24.54 2.59 1.18
C GLY A 95 25.17 3.84 0.63
N TRP A 96 24.36 4.75 0.10
CA TRP A 96 24.84 6.02 -0.47
C TRP A 96 24.11 7.10 0.33
N PRO A 97 24.60 8.35 0.31
CA PRO A 97 23.87 9.36 1.07
C PRO A 97 22.49 9.45 0.42
N ALA A 98 21.43 9.57 1.21
CA ALA A 98 20.10 9.65 0.63
C ALA A 98 20.02 10.85 -0.30
N PRO A 99 19.39 10.67 -1.47
CA PRO A 99 19.27 11.76 -2.44
C PRO A 99 18.47 12.90 -1.85
N GLN A 100 18.81 14.12 -2.25
CA GLN A 100 18.07 15.28 -1.77
C GLN A 100 16.68 15.14 -2.35
N GLY A 101 15.67 15.21 -1.50
CA GLY A 101 14.30 15.09 -1.97
C GLY A 101 13.63 13.83 -1.45
N SER A 102 14.43 12.84 -1.07
CA SER A 102 13.89 11.59 -0.53
C SER A 102 13.49 11.80 0.93
N ARG A 103 12.71 10.88 1.47
CA ARG A 103 12.29 10.92 2.86
C ARG A 103 12.76 9.61 3.44
N SER A 104 13.29 9.64 4.65
CA SER A 104 13.80 8.43 5.26
C SER A 104 12.85 7.77 6.22
N LEU A 105 12.94 6.45 6.30
CA LEU A 105 12.16 5.67 7.26
C LEU A 105 13.09 5.62 8.47
N THR A 106 12.54 5.29 9.63
CA THR A 106 13.34 5.16 10.85
C THR A 106 13.16 3.72 11.29
N PRO A 107 14.21 3.13 11.90
CA PRO A 107 14.13 1.74 12.35
C PRO A 107 13.01 1.48 13.35
N CYS A 108 12.53 0.24 13.36
CA CYS A 108 11.46 -0.20 14.25
C CYS A 108 11.94 -0.29 15.67
N THR A 109 11.05 0.05 16.59
CA THR A 109 11.34 0.04 18.02
C THR A 109 10.11 -0.46 18.80
N CYS A 110 9.58 -1.60 18.36
CA CYS A 110 8.39 -2.17 19.01
C CYS A 110 8.44 -3.68 19.02
N GLY A 111 9.52 -4.24 18.46
CA GLY A 111 9.70 -5.68 18.40
C GLY A 111 8.50 -6.47 17.90
N SER A 112 7.83 -5.94 16.88
CA SER A 112 6.66 -6.62 16.32
C SER A 112 7.13 -7.76 15.43
N SER A 113 6.31 -8.80 15.33
CA SER A 113 6.66 -9.93 14.49
C SER A 113 5.75 -10.01 13.28
N ASP A 114 4.93 -8.98 13.10
CA ASP A 114 4.03 -8.89 11.96
C ASP A 114 4.59 -7.79 11.06
N LEU A 115 5.28 -8.22 10.02
CA LEU A 115 5.92 -7.30 9.08
C LEU A 115 5.12 -7.19 7.80
N TYR A 116 5.41 -6.15 7.03
CA TYR A 116 4.73 -5.92 5.77
C TYR A 116 5.76 -5.54 4.73
N LEU A 117 5.97 -6.41 3.74
CA LEU A 117 6.92 -6.18 2.67
C LEU A 117 6.33 -5.29 1.57
N VAL A 118 7.01 -4.19 1.23
CA VAL A 118 6.54 -3.31 0.16
C VAL A 118 7.28 -3.72 -1.11
N THR A 119 6.52 -4.09 -2.14
CA THR A 119 7.11 -4.53 -3.41
C THR A 119 7.31 -3.38 -4.40
N ARG A 120 8.06 -3.64 -5.47
CA ARG A 120 8.33 -2.61 -6.48
C ARG A 120 7.07 -2.16 -7.20
N HIS A 121 5.98 -2.87 -7.01
CA HIS A 121 4.71 -2.50 -7.64
C HIS A 121 3.87 -1.71 -6.65
N ALA A 122 4.48 -1.41 -5.51
CA ALA A 122 3.83 -0.66 -4.45
C ALA A 122 2.72 -1.45 -3.76
N ASP A 123 2.89 -2.76 -3.66
CA ASP A 123 1.92 -3.59 -2.96
C ASP A 123 2.57 -3.91 -1.65
N VAL A 124 1.80 -3.90 -0.57
CA VAL A 124 2.39 -4.25 0.72
C VAL A 124 1.78 -5.59 1.08
N ILE A 125 2.64 -6.59 1.25
CA ILE A 125 2.21 -7.94 1.59
C ILE A 125 2.65 -8.34 2.99
N PRO A 126 1.75 -8.97 3.75
CA PRO A 126 2.05 -9.40 5.11
C PRO A 126 2.99 -10.60 5.20
N VAL A 127 3.93 -10.55 6.13
CA VAL A 127 4.85 -11.66 6.37
C VAL A 127 4.99 -11.77 7.89
N ARG A 128 5.02 -13.00 8.40
CA ARG A 128 5.17 -13.24 9.83
C ARG A 128 6.62 -13.58 10.15
N ARG A 129 7.23 -12.79 11.03
CA ARG A 129 8.61 -12.96 11.43
C ARG A 129 8.81 -14.35 12.06
N ARG A 130 9.85 -15.05 11.62
CA ARG A 130 10.16 -16.39 12.10
C ARG A 130 11.63 -16.49 12.50
N GLY A 131 12.26 -15.36 12.75
CA GLY A 131 13.66 -15.34 13.12
C GLY A 131 14.16 -13.95 12.84
N ASP A 132 15.39 -13.63 13.24
CA ASP A 132 15.90 -12.30 13.00
C ASP A 132 16.06 -11.95 11.51
N SER A 133 16.18 -12.97 10.67
CA SER A 133 16.34 -12.73 9.24
C SER A 133 15.34 -13.46 8.33
N ARG A 134 14.19 -13.86 8.88
CA ARG A 134 13.20 -14.55 8.06
C ARG A 134 11.76 -14.35 8.49
N GLY A 135 10.87 -14.42 7.53
CA GLY A 135 9.46 -14.26 7.78
C GLY A 135 8.73 -15.03 6.70
N SER A 136 7.49 -15.44 6.96
CA SER A 136 6.73 -16.19 5.98
C SER A 136 5.52 -15.42 5.46
N LEU A 137 5.27 -15.52 4.17
CA LEU A 137 4.15 -14.83 3.56
C LEU A 137 2.86 -15.48 4.04
N LEU A 138 1.93 -14.69 4.54
CA LEU A 138 0.66 -15.25 5.00
C LEU A 138 -0.14 -15.71 3.79
N SER A 139 0.26 -15.18 2.63
CA SER A 139 -0.34 -15.51 1.36
C SER A 139 0.77 -15.53 0.30
N PRO A 140 1.29 -16.73 -0.03
CA PRO A 140 2.36 -16.94 -1.00
C PRO A 140 2.02 -16.33 -2.34
N ARG A 141 3.05 -15.93 -3.07
CA ARG A 141 2.87 -15.33 -4.37
C ARG A 141 3.90 -15.94 -5.31
N PRO A 142 3.71 -15.80 -6.63
CA PRO A 142 4.68 -16.36 -7.57
C PRO A 142 6.00 -15.62 -7.37
N ILE A 143 7.11 -16.31 -7.57
CA ILE A 143 8.42 -15.71 -7.40
C ILE A 143 8.58 -14.49 -8.31
N SER A 144 7.90 -14.53 -9.46
CA SER A 144 7.94 -13.47 -10.46
C SER A 144 7.36 -12.17 -9.94
N TYR A 145 6.47 -12.29 -8.96
CA TYR A 145 5.84 -11.14 -8.37
C TYR A 145 6.79 -10.43 -7.41
N LEU A 146 7.71 -11.19 -6.83
CA LEU A 146 8.67 -10.64 -5.90
C LEU A 146 9.95 -10.18 -6.60
N LYS A 147 10.14 -10.57 -7.85
CA LYS A 147 11.34 -10.16 -8.57
C LYS A 147 11.37 -8.66 -8.75
N GLY A 148 12.54 -8.07 -8.53
CA GLY A 148 12.68 -6.64 -8.66
C GLY A 148 12.53 -5.91 -7.35
N SER A 149 12.16 -6.62 -6.29
CA SER A 149 11.97 -6.01 -4.99
C SER A 149 13.14 -6.09 -3.99
N SER A 150 14.27 -6.67 -4.39
CA SER A 150 15.41 -6.76 -3.47
C SER A 150 15.84 -5.35 -3.07
N GLY A 151 16.04 -5.14 -1.78
CA GLY A 151 16.41 -3.83 -1.30
C GLY A 151 15.18 -3.10 -0.81
N GLY A 152 14.00 -3.68 -1.01
CA GLY A 152 12.76 -3.06 -0.56
C GLY A 152 12.61 -3.18 0.94
N PRO A 153 11.76 -2.36 1.57
CA PRO A 153 11.60 -2.44 3.02
C PRO A 153 10.60 -3.45 3.57
N LEU A 154 10.87 -3.91 4.79
CA LEU A 154 9.96 -4.79 5.52
C LEU A 154 9.59 -3.88 6.66
N LEU A 155 8.33 -3.49 6.71
CA LEU A 155 7.83 -2.56 7.72
C LEU A 155 7.04 -3.23 8.86
N CYS A 156 7.11 -2.66 10.05
CA CYS A 156 6.36 -3.17 11.19
C CYS A 156 5.01 -2.44 11.06
N PRO A 157 4.01 -2.79 11.88
CA PRO A 157 2.69 -2.13 11.80
C PRO A 157 2.69 -0.61 11.88
N ALA A 158 3.78 -0.04 12.38
CA ALA A 158 3.88 1.41 12.54
C ALA A 158 4.55 2.12 11.35
N GLY A 159 5.03 1.34 10.37
CA GLY A 159 5.68 1.91 9.20
C GLY A 159 7.15 2.19 9.38
N HIS A 160 7.77 1.41 10.25
CA HIS A 160 9.18 1.59 10.52
C HIS A 160 9.93 0.43 9.96
N ALA A 161 11.13 0.72 9.46
CA ALA A 161 11.95 -0.29 8.84
C ALA A 161 12.47 -1.36 9.79
N VAL A 162 12.14 -2.60 9.48
CA VAL A 162 12.58 -3.76 10.25
C VAL A 162 13.71 -4.45 9.46
N GLY A 163 13.60 -4.43 8.13
CA GLY A 163 14.62 -5.06 7.32
C GLY A 163 14.45 -4.73 5.85
N LEU A 164 15.39 -5.19 5.05
CA LEU A 164 15.41 -4.99 3.59
C LEU A 164 15.30 -6.37 2.93
N PHE A 165 14.31 -6.57 2.07
CA PHE A 165 14.11 -7.84 1.37
C PHE A 165 15.39 -8.25 0.64
N ARG A 166 15.79 -9.52 0.78
CA ARG A 166 17.01 -9.99 0.14
C ARG A 166 16.85 -11.18 -0.80
N ALA A 167 16.16 -12.22 -0.31
CA ALA A 167 15.95 -13.43 -1.08
C ALA A 167 14.62 -14.10 -0.72
N ALA A 168 14.11 -14.92 -1.62
CA ALA A 168 12.85 -15.59 -1.39
C ALA A 168 13.03 -17.08 -1.27
N VAL A 169 12.28 -17.68 -0.35
CA VAL A 169 12.29 -19.12 -0.12
C VAL A 169 11.11 -19.65 -0.91
N CYS A 170 11.37 -20.17 -2.09
CA CYS A 170 10.29 -20.66 -2.94
C CYS A 170 10.51 -22.08 -3.43
N THR A 171 9.43 -22.68 -3.91
CA THR A 171 9.45 -24.03 -4.46
C THR A 171 8.38 -24.08 -5.53
N ARG A 172 8.70 -24.77 -6.62
CA ARG A 172 7.78 -24.91 -7.74
C ARG A 172 7.41 -23.52 -8.27
N GLY A 173 8.31 -22.57 -8.03
CA GLY A 173 8.09 -21.21 -8.49
C GLY A 173 7.19 -20.37 -7.60
N VAL A 174 6.90 -20.85 -6.39
CA VAL A 174 6.05 -20.09 -5.48
C VAL A 174 6.83 -19.81 -4.20
N ALA A 175 6.89 -18.53 -3.83
CA ALA A 175 7.61 -18.12 -2.64
C ALA A 175 6.66 -18.14 -1.45
N LYS A 176 7.11 -18.76 -0.37
CA LYS A 176 6.30 -18.82 0.82
C LYS A 176 6.97 -18.10 1.97
N ALA A 177 8.26 -17.80 1.82
CA ALA A 177 9.00 -17.11 2.85
C ALA A 177 10.00 -16.16 2.25
N VAL A 178 10.51 -15.24 3.05
CA VAL A 178 11.49 -14.28 2.55
C VAL A 178 12.66 -14.11 3.52
N ASP A 179 13.85 -13.97 2.97
CA ASP A 179 15.03 -13.75 3.76
C ASP A 179 15.30 -12.27 3.66
N PHE A 180 15.56 -11.63 4.79
CA PHE A 180 15.81 -10.20 4.77
C PHE A 180 16.98 -9.80 5.65
N ILE A 181 17.46 -8.58 5.43
CA ILE A 181 18.57 -8.01 6.18
C ILE A 181 17.95 -7.12 7.26
N PRO A 182 18.05 -7.53 8.54
CA PRO A 182 17.50 -6.78 9.67
C PRO A 182 18.22 -5.43 9.81
N VAL A 183 17.52 -4.38 10.22
CA VAL A 183 18.17 -3.07 10.38
C VAL A 183 19.40 -3.08 11.26
N GLU A 184 19.47 -4.02 12.19
CA GLU A 184 20.61 -4.13 13.08
C GLU A 184 21.90 -4.27 12.29
N ASN A 185 21.85 -5.01 11.20
CA ASN A 185 23.02 -5.18 10.35
C ASN A 185 23.42 -3.88 9.68
N LEU A 186 22.47 -2.94 9.58
CA LEU A 186 22.75 -1.64 8.99
C LEU A 186 23.61 -0.85 9.96
N GLU A 187 23.17 -0.77 11.21
CA GLU A 187 23.92 -0.05 12.22
C GLU A 187 25.34 -0.64 12.37
N THR A 188 25.43 -1.96 12.29
CA THR A 188 26.70 -2.65 12.38
C THR A 188 27.59 -2.27 11.20
N THR A 189 27.01 -2.30 10.01
CA THR A 189 27.74 -1.96 8.80
C THR A 189 28.25 -0.51 8.85
N MET A 190 27.46 0.39 9.44
CA MET A 190 27.87 1.78 9.53
C MET A 190 29.08 1.96 10.41
N ARG A 191 29.15 1.17 11.48
CA ARG A 191 30.29 1.27 12.38
C ARG A 191 31.43 0.35 11.94
N SER A 192 31.29 -0.18 10.72
CA SER A 192 32.27 -1.07 10.12
C SER A 192 32.84 -0.46 8.82
N LYS B 2 32.22 0.45 -13.94
CA LYS B 2 30.82 0.18 -14.38
C LYS B 2 29.98 1.45 -14.37
N GLY B 3 28.77 1.36 -14.93
CA GLY B 3 27.90 2.51 -14.96
C GLY B 3 27.32 2.74 -13.58
N SER B 4 26.76 3.93 -13.36
CA SER B 4 26.15 4.26 -12.09
C SER B 4 24.78 3.60 -11.98
N VAL B 5 24.32 3.44 -10.74
CA VAL B 5 23.00 2.89 -10.46
C VAL B 5 22.12 4.11 -10.73
N VAL B 6 21.00 3.93 -11.41
CA VAL B 6 20.14 5.05 -11.72
C VAL B 6 18.74 4.89 -11.14
N ILE B 7 18.20 5.98 -10.61
CA ILE B 7 16.84 5.97 -10.07
C ILE B 7 15.89 6.07 -11.27
N VAL B 8 15.08 5.04 -11.49
CA VAL B 8 14.13 5.02 -12.60
C VAL B 8 12.67 5.18 -12.14
N GLY B 9 12.47 5.32 -10.84
CA GLY B 9 11.13 5.47 -10.29
C GLY B 9 11.20 5.67 -8.80
N ARG B 10 10.04 5.65 -8.14
CA ARG B 10 9.98 5.84 -6.70
C ARG B 10 8.70 5.19 -6.20
N ILE B 11 8.69 4.84 -4.91
CA ILE B 11 7.53 4.24 -4.28
C ILE B 11 7.29 5.11 -3.06
N VAL B 12 6.10 5.70 -2.96
CA VAL B 12 5.79 6.58 -1.85
C VAL B 12 4.85 6.01 -0.80
N LEU B 13 5.35 5.97 0.43
CA LEU B 13 4.64 5.44 1.59
C LEU B 13 3.97 6.52 2.41
N SER B 14 4.48 7.75 2.31
CA SER B 14 3.94 8.85 3.10
C SER B 14 2.60 9.43 2.62
N GLY B 15 1.99 8.82 1.60
CA GLY B 15 0.73 9.32 1.10
C GLY B 15 -0.44 8.85 1.94
N LYS B 16 -1.41 9.73 2.14
CA LYS B 16 -2.61 9.45 2.91
C LYS B 16 -3.78 9.42 1.94
N PRO B 17 -4.90 8.76 2.32
CA PRO B 17 -6.06 8.70 1.41
C PRO B 17 -6.43 10.10 0.94
N ALA B 18 -6.86 10.19 -0.31
CA ALA B 18 -7.20 11.48 -0.86
C ALA B 18 -8.32 11.36 -1.86
N ILE B 19 -9.12 12.41 -1.98
CA ILE B 19 -10.22 12.47 -2.92
C ILE B 19 -9.56 12.97 -4.19
N ILE B 20 -9.61 12.17 -5.25
CA ILE B 20 -9.00 12.53 -6.52
C ILE B 20 -9.65 13.81 -7.07
N PRO B 21 -8.87 14.87 -7.25
CA PRO B 21 -9.35 16.17 -7.75
C PRO B 21 -9.97 16.11 -9.13
N LYS B 22 -11.09 16.81 -9.29
CA LYS B 22 -11.78 16.88 -10.56
C LYS B 22 -11.06 17.92 -11.38
N LYS B 23 -10.23 17.44 -12.30
CA LYS B 23 -9.46 18.32 -13.18
C LYS B 23 -9.71 17.86 -14.60
N VAL C 40 -4.66 8.61 -12.31
CA VAL C 40 -4.79 7.96 -10.98
C VAL C 40 -6.13 7.25 -10.96
N GLU C 41 -6.21 6.10 -10.31
CA GLU C 41 -7.46 5.33 -10.19
C GLU C 41 -7.82 5.25 -8.72
N GLY C 42 -9.11 5.23 -8.42
CA GLY C 42 -9.54 5.16 -7.03
C GLY C 42 -10.12 3.82 -6.62
N GLU C 43 -9.94 3.45 -5.36
CA GLU C 43 -10.47 2.18 -4.82
C GLU C 43 -11.87 2.43 -4.27
N VAL C 44 -12.08 3.64 -3.78
CA VAL C 44 -13.34 4.05 -3.19
C VAL C 44 -14.06 5.11 -4.03
N GLN C 45 -15.30 4.83 -4.39
CA GLN C 45 -16.10 5.76 -5.17
C GLN C 45 -17.08 6.45 -4.23
N ILE C 46 -17.18 7.77 -4.34
CA ILE C 46 -18.13 8.52 -3.53
C ILE C 46 -19.37 8.56 -4.40
N VAL C 47 -20.40 7.82 -4.01
CA VAL C 47 -21.62 7.75 -4.80
C VAL C 47 -22.80 8.50 -4.19
N SER C 48 -23.81 8.74 -5.03
CA SER C 48 -25.01 9.43 -4.61
C SER C 48 -26.24 8.90 -5.32
N THR C 49 -27.33 8.94 -4.58
CA THR C 49 -28.62 8.51 -5.06
C THR C 49 -29.48 9.74 -4.76
N ALA C 50 -30.71 9.77 -5.25
CA ALA C 50 -31.62 10.90 -5.03
C ALA C 50 -31.80 11.25 -3.55
N THR C 51 -32.00 10.21 -2.75
CA THR C 51 -32.18 10.35 -1.31
C THR C 51 -30.89 10.79 -0.62
N GLN C 52 -29.85 9.98 -0.69
CA GLN C 52 -28.60 10.33 -0.03
C GLN C 52 -27.32 9.93 -0.77
N THR C 53 -26.20 10.35 -0.21
CA THR C 53 -24.87 10.05 -0.74
C THR C 53 -24.16 9.13 0.26
N PHE C 54 -23.30 8.26 -0.27
CA PHE C 54 -22.56 7.32 0.55
C PHE C 54 -21.33 6.88 -0.25
N LEU C 55 -20.74 5.73 0.10
CA LEU C 55 -19.53 5.24 -0.56
C LEU C 55 -19.70 3.84 -1.15
N ALA C 56 -18.73 3.47 -2.00
CA ALA C 56 -18.68 2.15 -2.61
C ALA C 56 -17.20 1.83 -2.62
N THR C 57 -16.85 0.54 -2.52
CA THR C 57 -15.46 0.09 -2.51
C THR C 57 -15.24 -1.05 -3.50
N CYS C 58 -14.23 -0.90 -4.35
CA CYS C 58 -13.95 -1.96 -5.32
C CYS C 58 -13.04 -3.01 -4.72
N ILE C 59 -13.51 -4.25 -4.70
CA ILE C 59 -12.74 -5.36 -4.17
C ILE C 59 -12.96 -6.55 -5.10
N ASN C 60 -11.86 -7.13 -5.54
CA ASN C 60 -11.89 -8.27 -6.45
C ASN C 60 -12.65 -7.99 -7.75
N GLY C 61 -12.50 -6.78 -8.28
CA GLY C 61 -13.16 -6.43 -9.53
C GLY C 61 -14.64 -6.09 -9.45
N VAL C 62 -15.16 -6.01 -8.23
CA VAL C 62 -16.56 -5.67 -8.01
C VAL C 62 -16.63 -4.42 -7.14
N CYS C 63 -17.53 -3.52 -7.49
CA CYS C 63 -17.73 -2.28 -6.78
C CYS C 63 -18.86 -2.57 -5.79
N TRP C 64 -18.49 -2.75 -4.52
CA TRP C 64 -19.44 -3.07 -3.46
C TRP C 64 -19.94 -1.85 -2.68
N THR C 65 -21.16 -1.94 -2.17
CA THR C 65 -21.76 -0.89 -1.35
C THR C 65 -22.91 -1.49 -0.55
N VAL C 66 -23.56 -0.67 0.25
CA VAL C 66 -24.67 -1.09 1.11
C VAL C 66 -26.05 -1.03 0.46
N TYR C 67 -26.79 -2.13 0.57
CA TYR C 67 -28.14 -2.25 0.03
C TYR C 67 -29.06 -1.17 0.57
N HIS C 68 -28.82 -0.74 1.79
CA HIS C 68 -29.66 0.30 2.39
C HIS C 68 -29.43 1.67 1.77
N GLY C 69 -28.46 1.74 0.85
CA GLY C 69 -28.16 2.99 0.18
C GLY C 69 -28.52 2.91 -1.28
N ALA C 70 -28.13 1.81 -1.92
CA ALA C 70 -28.39 1.59 -3.35
C ALA C 70 -29.67 0.80 -3.61
N GLY C 71 -29.96 -0.13 -2.73
CA GLY C 71 -31.14 -0.97 -2.91
C GLY C 71 -30.79 -1.86 -4.07
N THR C 72 -31.66 -1.93 -5.05
CA THR C 72 -31.42 -2.74 -6.24
C THR C 72 -31.16 -1.81 -7.40
N ARG C 73 -30.93 -0.54 -7.08
CA ARG C 73 -30.67 0.47 -8.08
C ARG C 73 -29.53 0.06 -8.99
N THR C 74 -29.53 0.63 -10.17
CA THR C 74 -28.50 0.33 -11.15
C THR C 74 -27.41 1.41 -11.04
N ILE C 75 -26.22 1.16 -11.59
CA ILE C 75 -25.16 2.19 -11.53
C ILE C 75 -24.94 2.89 -12.88
N ALA C 76 -24.74 4.20 -12.83
CA ALA C 76 -24.56 4.99 -14.03
C ALA C 76 -23.24 4.72 -14.73
N SER C 77 -23.24 4.78 -16.07
CA SER C 77 -22.03 4.58 -16.87
C SER C 77 -22.17 5.36 -18.18
N PRO C 78 -21.06 5.58 -18.91
CA PRO C 78 -21.10 6.32 -20.18
C PRO C 78 -21.92 5.58 -21.24
N LYS C 79 -22.12 4.28 -21.03
CA LYS C 79 -22.87 3.47 -21.97
C LYS C 79 -24.28 3.22 -21.48
N GLY C 80 -24.58 3.70 -20.28
CA GLY C 80 -25.90 3.52 -19.72
C GLY C 80 -25.88 2.75 -18.42
N PRO C 81 -27.02 2.66 -17.74
CA PRO C 81 -27.14 1.95 -16.47
C PRO C 81 -26.68 0.50 -16.52
N VAL C 82 -25.80 0.13 -15.60
CA VAL C 82 -25.31 -1.22 -15.53
C VAL C 82 -25.86 -1.80 -14.24
N ILE C 83 -26.51 -2.96 -14.35
CA ILE C 83 -27.13 -3.61 -13.20
C ILE C 83 -26.18 -4.28 -12.22
N GLN C 84 -26.70 -4.53 -11.03
CA GLN C 84 -25.92 -5.17 -9.99
C GLN C 84 -25.60 -6.61 -10.40
N MET C 85 -24.42 -7.07 -10.02
CA MET C 85 -24.02 -8.44 -10.30
C MET C 85 -24.45 -9.27 -9.11
N TYR C 86 -24.49 -8.65 -7.93
CA TYR C 86 -24.89 -9.34 -6.70
C TYR C 86 -25.75 -8.40 -5.88
N THR C 87 -26.79 -8.95 -5.26
CA THR C 87 -27.68 -8.16 -4.41
C THR C 87 -27.92 -9.10 -3.24
N ASN C 88 -27.59 -8.66 -2.04
CA ASN C 88 -27.75 -9.48 -0.85
C ASN C 88 -28.37 -8.65 0.22
N VAL C 89 -29.69 -8.57 0.19
CA VAL C 89 -30.46 -7.79 1.14
C VAL C 89 -30.17 -8.20 2.58
N ASP C 90 -29.95 -9.48 2.80
CA ASP C 90 -29.68 -9.98 4.14
C ASP C 90 -28.42 -9.38 4.73
N GLN C 91 -27.34 -9.45 3.96
CA GLN C 91 -26.05 -8.93 4.38
C GLN C 91 -25.91 -7.42 4.14
N ASP C 92 -26.96 -6.80 3.57
CA ASP C 92 -26.96 -5.36 3.28
C ASP C 92 -25.86 -5.09 2.25
N LEU C 93 -25.64 -6.08 1.38
CA LEU C 93 -24.57 -6.05 0.38
C LEU C 93 -25.02 -6.12 -1.08
N VAL C 94 -24.61 -5.14 -1.88
CA VAL C 94 -24.90 -5.14 -3.32
C VAL C 94 -23.57 -4.91 -4.03
N GLY C 95 -23.47 -5.32 -5.30
CA GLY C 95 -22.24 -5.14 -6.03
C GLY C 95 -22.45 -5.09 -7.53
N TRP C 96 -21.83 -4.13 -8.18
CA TRP C 96 -21.91 -3.98 -9.64
C TRP C 96 -20.49 -4.20 -10.13
N PRO C 97 -20.29 -4.46 -11.42
CA PRO C 97 -18.90 -4.64 -11.86
C PRO C 97 -18.17 -3.29 -11.73
N ALA C 98 -16.92 -3.33 -11.30
CA ALA C 98 -16.13 -2.13 -11.07
C ALA C 98 -16.19 -1.11 -12.19
N PRO C 99 -16.44 0.16 -11.84
CA PRO C 99 -16.54 1.25 -12.81
C PRO C 99 -15.19 1.68 -13.38
N GLN C 100 -15.20 2.72 -14.20
CA GLN C 100 -13.99 3.26 -14.80
C GLN C 100 -13.27 4.19 -13.82
N GLY C 101 -11.96 4.31 -13.96
CA GLY C 101 -11.21 5.18 -13.08
C GLY C 101 -11.08 4.58 -11.69
N SER C 102 -11.35 3.29 -11.59
CA SER C 102 -11.28 2.59 -10.32
C SER C 102 -10.19 1.52 -10.35
N ARG C 103 -9.85 1.03 -9.16
CA ARG C 103 -8.86 -0.02 -8.98
C ARG C 103 -9.31 -0.80 -7.76
N SER C 104 -9.07 -2.10 -7.78
CA SER C 104 -9.49 -2.96 -6.69
C SER C 104 -8.55 -3.08 -5.51
N LEU C 105 -9.20 -3.26 -4.35
CA LEU C 105 -8.58 -3.41 -3.07
C LEU C 105 -8.40 -4.91 -2.82
N THR C 106 -7.31 -5.23 -2.13
CA THR C 106 -6.98 -6.62 -1.81
C THR C 106 -7.56 -7.01 -0.45
N PRO C 107 -8.14 -8.20 -0.36
CA PRO C 107 -8.70 -8.65 0.91
C PRO C 107 -7.59 -8.85 1.95
N CYS C 108 -7.94 -8.76 3.22
CA CYS C 108 -6.96 -8.95 4.28
C CYS C 108 -6.67 -10.42 4.49
N THR C 109 -5.40 -10.74 4.74
CA THR C 109 -4.97 -12.12 4.99
C THR C 109 -4.02 -12.20 6.19
N CYS C 110 -3.93 -11.11 6.95
CA CYS C 110 -3.03 -11.08 8.11
C CYS C 110 -3.81 -11.16 9.41
N GLY C 111 -5.14 -11.23 9.29
CA GLY C 111 -6.00 -11.32 10.46
C GLY C 111 -5.88 -10.24 11.53
N SER C 112 -5.15 -9.16 11.27
CA SER C 112 -5.00 -8.10 12.26
C SER C 112 -6.35 -7.50 12.69
N SER C 113 -6.41 -7.07 13.93
CA SER C 113 -7.62 -6.47 14.48
C SER C 113 -7.44 -4.98 14.71
N ASP C 114 -6.35 -4.43 14.17
CA ASP C 114 -6.14 -2.99 14.26
C ASP C 114 -6.62 -2.51 12.91
N LEU C 115 -7.90 -2.18 12.86
CA LEU C 115 -8.54 -1.73 11.64
C LEU C 115 -8.47 -0.22 11.47
N TYR C 116 -8.81 0.26 10.27
CA TYR C 116 -8.80 1.69 9.98
C TYR C 116 -9.93 1.97 9.01
N LEU C 117 -10.89 2.77 9.44
CA LEU C 117 -12.02 3.09 8.59
C LEU C 117 -11.69 4.36 7.81
N VAL C 118 -12.03 4.40 6.52
CA VAL C 118 -11.80 5.59 5.68
C VAL C 118 -13.16 6.22 5.41
N THR C 119 -13.30 7.52 5.65
CA THR C 119 -14.57 8.19 5.43
C THR C 119 -14.71 8.82 4.05
N ARG C 120 -15.88 9.38 3.76
CA ARG C 120 -16.14 10.02 2.48
C ARG C 120 -15.33 11.30 2.30
N HIS C 121 -14.66 11.73 3.36
CA HIS C 121 -13.84 12.93 3.31
C HIS C 121 -12.38 12.52 3.32
N ALA C 122 -12.15 11.22 3.13
CA ALA C 122 -10.82 10.63 3.11
C ALA C 122 -10.16 10.62 4.48
N ASP C 123 -10.96 10.82 5.54
CA ASP C 123 -10.44 10.79 6.90
C ASP C 123 -10.23 9.32 7.28
N VAL C 124 -9.17 9.04 8.02
CA VAL C 124 -8.90 7.67 8.47
C VAL C 124 -9.23 7.63 9.96
N ILE C 125 -9.92 6.59 10.40
CA ILE C 125 -10.32 6.47 11.79
C ILE C 125 -9.87 5.11 12.34
N PRO C 126 -8.95 5.10 13.31
CA PRO C 126 -8.46 3.84 13.88
C PRO C 126 -9.60 3.12 14.61
N VAL C 127 -9.76 1.84 14.31
CA VAL C 127 -10.81 1.03 14.91
C VAL C 127 -10.23 -0.29 15.40
N ARG C 128 -10.59 -0.67 16.61
CA ARG C 128 -10.14 -1.92 17.19
C ARG C 128 -11.25 -2.94 16.94
N ARG C 129 -10.90 -4.05 16.31
CA ARG C 129 -11.89 -5.06 15.99
C ARG C 129 -12.35 -5.81 17.22
N ARG C 130 -13.66 -5.76 17.47
CA ARG C 130 -14.28 -6.43 18.61
C ARG C 130 -14.84 -7.79 18.23
N GLY C 131 -15.22 -7.96 16.96
CA GLY C 131 -15.78 -9.22 16.53
C GLY C 131 -15.94 -9.29 15.01
N ASP C 132 -16.46 -10.41 14.53
CA ASP C 132 -16.67 -10.65 13.11
C ASP C 132 -17.15 -9.45 12.32
N SER C 133 -18.09 -8.71 12.89
CA SER C 133 -18.63 -7.57 12.21
C SER C 133 -18.75 -6.35 13.10
N ARG C 134 -17.87 -6.27 14.09
CA ARG C 134 -17.93 -5.16 15.02
C ARG C 134 -16.55 -4.62 15.35
N GLY C 135 -16.46 -3.31 15.56
CA GLY C 135 -15.20 -2.69 15.89
C GLY C 135 -15.45 -1.41 16.66
N SER C 136 -14.49 -1.03 17.50
CA SER C 136 -14.63 0.18 18.32
C SER C 136 -13.63 1.29 17.96
N LEU C 137 -14.14 2.51 17.78
CA LEU C 137 -13.26 3.62 17.45
C LEU C 137 -12.29 3.76 18.61
N LEU C 138 -11.06 4.12 18.32
CA LEU C 138 -10.10 4.30 19.40
C LEU C 138 -10.42 5.64 20.04
N SER C 139 -11.11 6.50 19.28
CA SER C 139 -11.53 7.81 19.74
C SER C 139 -12.89 8.05 19.11
N PRO C 140 -13.96 7.98 19.92
CA PRO C 140 -15.32 8.18 19.39
C PRO C 140 -15.48 9.57 18.78
N ARG C 141 -16.26 9.63 17.71
CA ARG C 141 -16.49 10.88 17.01
C ARG C 141 -17.98 11.10 16.88
N PRO C 142 -18.40 12.32 16.54
CA PRO C 142 -19.84 12.59 16.39
C PRO C 142 -20.32 11.80 15.17
N ILE C 143 -21.58 11.39 15.16
CA ILE C 143 -22.09 10.64 14.02
C ILE C 143 -21.90 11.39 12.72
N SER C 144 -21.91 12.71 12.79
CA SER C 144 -21.71 13.56 11.62
C SER C 144 -20.42 13.18 10.90
N TYR C 145 -19.36 12.99 11.68
CA TYR C 145 -18.05 12.64 11.15
C TYR C 145 -18.06 11.35 10.33
N LEU C 146 -18.86 10.37 10.74
CA LEU C 146 -18.94 9.10 10.03
C LEU C 146 -20.12 9.04 9.07
N LYS C 147 -20.82 10.16 8.93
CA LYS C 147 -21.99 10.21 8.07
C LYS C 147 -21.63 10.24 6.58
N GLY C 148 -22.34 9.43 5.81
CA GLY C 148 -22.10 9.35 4.37
C GLY C 148 -20.98 8.41 3.99
N SER C 149 -20.44 7.68 4.97
CA SER C 149 -19.33 6.77 4.71
C SER C 149 -19.69 5.31 4.53
N SER C 150 -20.95 4.95 4.69
CA SER C 150 -21.33 3.55 4.53
C SER C 150 -20.89 3.07 3.17
N GLY C 151 -20.41 1.83 3.10
CA GLY C 151 -19.94 1.30 1.84
C GLY C 151 -18.43 1.44 1.78
N GLY C 152 -17.89 2.38 2.54
CA GLY C 152 -16.46 2.60 2.59
C GLY C 152 -15.72 1.39 3.11
N PRO C 153 -14.38 1.37 3.04
CA PRO C 153 -13.62 0.21 3.50
C PRO C 153 -13.11 0.22 4.94
N LEU C 154 -12.97 -0.96 5.51
CA LEU C 154 -12.40 -1.13 6.85
C LEU C 154 -11.08 -1.82 6.50
N LEU C 155 -9.99 -1.07 6.60
CA LEU C 155 -8.63 -1.53 6.27
C LEU C 155 -7.82 -2.06 7.44
N CYS C 156 -6.86 -2.93 7.13
CA CYS C 156 -5.97 -3.46 8.14
C CYS C 156 -4.65 -2.69 8.00
N PRO C 157 -3.62 -3.00 8.82
CA PRO C 157 -2.32 -2.30 8.76
C PRO C 157 -1.61 -2.29 7.41
N ALA C 158 -1.97 -3.21 6.52
CA ALA C 158 -1.37 -3.32 5.20
C ALA C 158 -2.21 -2.63 4.14
N GLY C 159 -3.26 -1.95 4.58
CA GLY C 159 -4.15 -1.26 3.67
C GLY C 159 -5.05 -2.18 2.89
N HIS C 160 -5.13 -3.46 3.29
CA HIS C 160 -5.98 -4.46 2.63
C HIS C 160 -7.40 -4.44 3.24
N ALA C 161 -8.41 -4.72 2.42
CA ALA C 161 -9.80 -4.71 2.87
C ALA C 161 -10.17 -5.81 3.85
N VAL C 162 -10.64 -5.38 5.02
CA VAL C 162 -11.09 -6.28 6.09
C VAL C 162 -12.62 -6.41 6.01
N GLY C 163 -13.28 -5.31 5.73
CA GLY C 163 -14.73 -5.33 5.63
C GLY C 163 -15.25 -4.05 5.04
N LEU C 164 -16.55 -4.02 4.79
CA LEU C 164 -17.22 -2.86 4.24
C LEU C 164 -18.05 -2.23 5.34
N PHE C 165 -17.83 -0.95 5.61
CA PHE C 165 -18.57 -0.21 6.63
C PHE C 165 -20.09 -0.32 6.41
N ARG C 166 -20.76 -1.00 7.33
CA ARG C 166 -22.21 -1.25 7.30
C ARG C 166 -23.01 -0.11 7.92
N ALA C 167 -22.73 0.20 9.19
CA ALA C 167 -23.42 1.26 9.92
C ALA C 167 -22.69 1.62 11.20
N ALA C 168 -22.86 2.85 11.65
CA ALA C 168 -22.20 3.31 12.88
C ALA C 168 -23.08 3.02 14.10
N VAL C 169 -22.43 2.60 15.18
CA VAL C 169 -23.11 2.29 16.45
C VAL C 169 -22.81 3.47 17.36
N CYS C 170 -23.78 4.34 17.54
CA CYS C 170 -23.58 5.54 18.36
C CYS C 170 -24.50 5.68 19.57
N THR C 171 -23.93 6.21 20.64
CA THR C 171 -24.65 6.42 21.87
C THR C 171 -24.89 7.92 22.01
N ARG C 172 -26.12 8.34 21.81
CA ARG C 172 -26.46 9.76 21.95
C ARG C 172 -25.70 10.69 21.00
N GLY C 173 -25.59 10.30 19.73
CA GLY C 173 -24.91 11.15 18.76
C GLY C 173 -23.40 11.04 18.63
N VAL C 174 -22.78 10.19 19.44
CA VAL C 174 -21.35 9.99 19.35
C VAL C 174 -21.15 8.54 18.96
N ALA C 175 -20.53 8.34 17.80
CA ALA C 175 -20.26 7.00 17.32
C ALA C 175 -19.03 6.51 18.07
N LYS C 176 -19.17 5.34 18.70
CA LYS C 176 -18.08 4.74 19.44
C LYS C 176 -17.72 3.42 18.79
N ALA C 177 -18.59 2.93 17.92
CA ALA C 177 -18.34 1.66 17.25
C ALA C 177 -18.94 1.65 15.85
N VAL C 178 -18.58 0.62 15.09
CA VAL C 178 -19.08 0.44 13.73
C VAL C 178 -19.47 -1.00 13.49
N ASP C 179 -20.40 -1.17 12.57
CA ASP C 179 -20.91 -2.48 12.18
C ASP C 179 -20.33 -2.63 10.77
N PHE C 180 -19.84 -3.81 10.41
CA PHE C 180 -19.27 -3.99 9.07
C PHE C 180 -19.45 -5.38 8.46
N ILE C 181 -19.42 -5.44 7.13
CA ILE C 181 -19.57 -6.70 6.39
C ILE C 181 -18.15 -7.20 6.09
N PRO C 182 -17.73 -8.32 6.70
CA PRO C 182 -16.39 -8.86 6.47
C PRO C 182 -16.13 -9.21 5.00
N VAL C 183 -14.89 -9.07 4.55
CA VAL C 183 -14.57 -9.40 3.15
C VAL C 183 -14.96 -10.80 2.79
N GLU C 184 -14.92 -11.71 3.76
CA GLU C 184 -15.28 -13.10 3.51
C GLU C 184 -16.69 -13.21 2.94
N ASN C 185 -17.61 -12.36 3.40
CA ASN C 185 -18.99 -12.38 2.92
C ASN C 185 -19.00 -12.01 1.46
N LEU C 186 -18.16 -11.04 1.09
CA LEU C 186 -18.05 -10.60 -0.29
C LEU C 186 -17.45 -11.74 -1.11
N GLU C 187 -16.36 -12.33 -0.61
CA GLU C 187 -15.66 -13.42 -1.27
C GLU C 187 -16.62 -14.57 -1.52
N THR C 188 -17.48 -14.82 -0.54
CA THR C 188 -18.47 -15.89 -0.59
C THR C 188 -19.59 -15.57 -1.59
N THR C 189 -20.16 -14.38 -1.45
CA THR C 189 -21.24 -13.92 -2.30
C THR C 189 -20.92 -13.98 -3.79
N MET C 190 -19.66 -13.69 -4.13
CA MET C 190 -19.23 -13.70 -5.52
C MET C 190 -18.72 -15.05 -6.02
N GLY D 3 -34.48 5.70 -10.18
CA GLY D 3 -33.20 6.48 -10.02
C GLY D 3 -32.01 5.58 -10.32
N SER D 4 -30.81 6.15 -10.31
CA SER D 4 -29.60 5.38 -10.59
C SER D 4 -28.47 5.90 -9.70
N VAL D 5 -27.60 4.99 -9.27
CA VAL D 5 -26.48 5.38 -8.44
C VAL D 5 -25.41 5.98 -9.35
N VAL D 6 -25.01 7.22 -9.07
CA VAL D 6 -24.00 7.91 -9.86
C VAL D 6 -22.76 8.17 -9.02
N ILE D 7 -21.59 8.08 -9.65
CA ILE D 7 -20.34 8.31 -8.96
C ILE D 7 -20.07 9.80 -9.00
N VAL D 8 -19.92 10.39 -7.82
CA VAL D 8 -19.69 11.82 -7.72
C VAL D 8 -18.26 12.18 -7.34
N GLY D 9 -17.43 11.18 -7.11
CA GLY D 9 -16.05 11.46 -6.76
C GLY D 9 -15.33 10.15 -6.51
N ARG D 10 -14.03 10.23 -6.32
CA ARG D 10 -13.21 9.04 -6.07
C ARG D 10 -12.17 9.33 -5.01
N ILE D 11 -11.75 8.28 -4.31
CA ILE D 11 -10.74 8.39 -3.28
C ILE D 11 -9.65 7.39 -3.60
N VAL D 12 -8.41 7.85 -3.60
CA VAL D 12 -7.24 7.00 -3.84
C VAL D 12 -6.59 6.82 -2.47
N LEU D 13 -6.56 5.59 -1.99
CA LEU D 13 -6.04 5.31 -0.67
C LEU D 13 -4.57 5.62 -0.39
N SER D 14 -3.74 5.60 -1.42
CA SER D 14 -2.32 5.89 -1.25
C SER D 14 -2.01 7.37 -1.34
N GLY D 15 -3.00 8.17 -1.73
CA GLY D 15 -2.81 9.60 -1.87
C GLY D 15 -2.01 9.96 -3.12
N LYS D 16 -1.96 9.03 -4.06
CA LYS D 16 -1.26 9.21 -5.30
C LYS D 16 -1.74 10.38 -6.13
N PRO D 17 -0.83 11.31 -6.44
CA PRO D 17 -1.12 12.50 -7.22
C PRO D 17 -1.08 12.17 -8.71
N ALA D 18 0.05 11.61 -9.13
CA ALA D 18 0.35 11.23 -10.52
C ALA D 18 -0.14 12.23 -11.61
ZN ZN E . 7.84 -0.80 15.07
C1 BNH F . 17.43 -18.01 -2.49
O2 BNH F . 18.63 -17.87 -2.73
O3 BNH F . 17.02 -18.50 -1.39
C4 BNH F . 17.88 -18.94 -0.31
C5 BNH F . 17.60 -18.51 1.13
C6 BNH F . 18.59 -17.46 1.61
C7 BNH F . 16.19 -18.00 1.27
N8 BNH F . 16.47 -17.66 -3.36
C9 BNH F . 16.75 -16.89 -4.57
C10 BNH F . 15.60 -16.99 -5.56
C11 BNH F . 15.90 -16.18 -6.82
C12 BNH F . 15.33 -18.43 -5.96
C13 BNH F . 14.80 -16.27 -7.87
C14 BNH F . 14.22 -18.57 -6.98
C15 BNH F . 14.53 -17.74 -8.22
C16 BNH F . 16.95 -15.42 -4.26
O17 BNH F . 16.05 -14.78 -3.71
N18 BNH F . 18.11 -14.89 -4.64
C19 BNH F . 18.43 -13.49 -4.41
C20 BNH F . 17.70 -12.63 -5.43
O21 BNH F . 17.84 -12.82 -6.64
C22 BNH F . 19.93 -13.25 -4.52
C23 BNH F . 20.64 -14.09 -3.48
C24 BNH F . 20.48 -13.69 -2.01
C25 BNH F . 21.81 -13.43 -2.75
N26 BNH F . 16.91 -11.67 -4.95
C27 BNH F . 16.15 -10.77 -5.81
C28 BNH F . 14.64 -10.95 -5.57
C29 BNH F . 14.12 -12.30 -6.13
C30 BNH F . 12.67 -12.73 -5.93
C31 BNH F . 13.79 -13.46 -5.16
O32 BNH F . 17.97 -9.16 -5.66
C33 BNH F . 16.56 -9.29 -5.67
O34 BNH F . 14.86 -8.20 -6.98
C35 BNH F . 16.03 -8.60 -6.91
N36 BNH F . 16.89 -8.45 -7.91
C37 BNH F . 16.59 -7.71 -9.11
C38 BNH F . 15.85 -8.49 -10.17
O39 BNH F . 15.34 -9.59 -9.94
N40 BNH F . 15.77 -7.88 -11.34
C41 BNH F . 15.12 -8.45 -12.52
C42 BNH F . 13.61 -8.45 -12.58
C43 BNH F . 12.90 -7.29 -12.23
C44 BNH F . 12.95 -9.58 -13.04
C45 BNH F . 11.54 -7.27 -12.34
C46 BNH F . 11.59 -9.55 -13.15
C47 BNH F . 10.87 -8.40 -12.80
C48 BNH F . 15.68 -7.70 -13.73
O49 BNH F . 16.14 -6.55 -13.60
O50 BNH F . 15.68 -8.22 -14.85
ZN ZN G . -4.19 -7.58 6.56
#